data_1A28
#
_entry.id   1A28
#
_cell.length_a   58.123
_cell.length_b   64.444
_cell.length_c   69.954
_cell.angle_alpha   90.00
_cell.angle_beta   95.74
_cell.angle_gamma   90.00
#
_symmetry.space_group_name_H-M   'P 1 21 1'
#
loop_
_entity.id
_entity.type
_entity.pdbx_description
1 polymer 'PROGESTERONE RECEPTOR'
2 non-polymer PROGESTERONE
3 water water
#
_entity_poly.entity_id   1
_entity_poly.type   'polypeptide(L)'
_entity_poly.pdbx_seq_one_letter_code
;GQDIQLIPPLINLLMSIEPDVIYAGHDNTKPDTSSSLLTSLNQLGERQLLSVVKWSKSLPGFRNLHIDDQITLIQYSWMS
LMVFGLGWRSYKHVSGQMLYFAPDLILNEQRMKESSFYSLCLTMWQIPQEFVKLQVSQEEFLCMKVLLLLNTIPLEGLRS
QTQFEEMRSSYIRELIKAIGLRQKGVVSSSQRFYQLTKLLDNLHDLVKQLHLYCLNTFIQSRALSVEFPEMMSEVIAAQL
PKILAGMVKPLLFHKK
;
_entity_poly.pdbx_strand_id   A,B
#
loop_
_chem_comp.id
_chem_comp.type
_chem_comp.name
_chem_comp.formula
STR non-polymer PROGESTERONE 'C21 H30 O2'
#
# COMPACT_ATOMS: atom_id res chain seq x y z
N GLN A 5 26.65 25.05 -28.74
CA GLN A 5 27.90 25.73 -28.27
C GLN A 5 28.16 25.45 -26.80
N LEU A 6 27.41 26.12 -25.93
CA LEU A 6 27.58 25.92 -24.49
C LEU A 6 26.63 24.85 -23.95
N ILE A 7 25.46 24.72 -24.57
CA ILE A 7 24.49 23.72 -24.12
C ILE A 7 24.96 22.33 -24.55
N PRO A 8 25.18 21.43 -23.58
CA PRO A 8 25.63 20.07 -23.87
C PRO A 8 24.72 19.33 -24.85
N PRO A 9 25.29 18.48 -25.71
CA PRO A 9 24.56 17.71 -26.72
C PRO A 9 23.39 16.91 -26.18
N LEU A 10 23.62 16.18 -25.10
CA LEU A 10 22.57 15.36 -24.49
C LEU A 10 21.39 16.21 -24.00
N ILE A 11 21.70 17.39 -23.49
CA ILE A 11 20.64 18.27 -23.01
C ILE A 11 19.82 18.82 -24.19
N ASN A 12 20.49 19.19 -25.28
CA ASN A 12 19.76 19.67 -26.45
C ASN A 12 18.86 18.53 -26.97
N LEU A 13 19.36 17.30 -26.90
CA LEU A 13 18.57 16.17 -27.38
C LEU A 13 17.33 16.00 -26.51
N LEU A 14 17.50 16.11 -25.19
CA LEU A 14 16.36 16.00 -24.27
C LEU A 14 15.34 17.09 -24.55
N MET A 15 15.82 18.30 -24.85
CA MET A 15 14.91 19.40 -25.16
C MET A 15 14.14 19.02 -26.42
N SER A 16 14.85 18.46 -27.39
CA SER A 16 14.22 18.09 -28.64
C SER A 16 13.20 16.97 -28.53
N ILE A 17 13.39 16.04 -27.61
CA ILE A 17 12.42 14.93 -27.52
C ILE A 17 11.32 15.14 -26.50
N GLU A 18 11.31 16.31 -25.84
CA GLU A 18 10.27 16.60 -24.86
C GLU A 18 8.96 16.65 -25.66
N PRO A 19 7.94 15.92 -25.22
CA PRO A 19 6.67 15.93 -25.95
C PRO A 19 6.00 17.31 -26.06
N ASP A 20 5.19 17.48 -27.10
CA ASP A 20 4.45 18.73 -27.31
C ASP A 20 3.36 18.74 -26.23
N VAL A 21 2.93 19.91 -25.78
CA VAL A 21 1.92 19.95 -24.71
C VAL A 21 0.69 19.10 -25.02
N ILE A 22 0.20 18.42 -24.00
CA ILE A 22 -0.95 17.54 -24.12
C ILE A 22 -2.20 18.23 -23.58
N TYR A 23 -3.29 18.16 -24.34
CA TYR A 23 -4.57 18.74 -23.92
C TYR A 23 -5.39 17.68 -23.20
N ALA A 24 -6.20 18.10 -22.25
CA ALA A 24 -7.02 17.13 -21.53
C ALA A 24 -8.31 16.82 -22.29
N GLY A 25 -8.69 17.71 -23.21
CA GLY A 25 -9.94 17.52 -23.93
C GLY A 25 -11.08 17.77 -22.96
N HIS A 26 -10.84 18.65 -21.99
CA HIS A 26 -11.84 18.97 -20.97
C HIS A 26 -12.93 19.94 -21.43
N ASP A 27 -14.16 19.69 -20.97
CA ASP A 27 -15.34 20.49 -21.32
C ASP A 27 -15.18 21.99 -21.09
N ASN A 28 -15.14 22.39 -19.83
CA ASN A 28 -15.02 23.80 -19.42
C ASN A 28 -16.38 24.50 -19.41
N THR A 29 -17.08 24.45 -20.54
CA THR A 29 -18.39 25.09 -20.66
C THR A 29 -19.38 24.63 -19.58
N LYS A 30 -19.17 23.45 -19.01
CA LYS A 30 -20.07 22.93 -17.99
C LYS A 30 -19.46 23.07 -16.59
N PRO A 31 -20.31 23.07 -15.56
CA PRO A 31 -19.87 23.19 -14.16
C PRO A 31 -19.10 21.93 -13.74
N ASP A 32 -17.81 22.09 -13.45
CA ASP A 32 -16.96 20.97 -13.06
C ASP A 32 -17.30 20.37 -11.70
N THR A 33 -17.69 19.09 -11.68
CA THR A 33 -17.97 18.42 -10.42
C THR A 33 -16.68 17.73 -10.00
N SER A 34 -16.62 17.30 -8.75
CA SER A 34 -15.42 16.63 -8.26
C SER A 34 -15.12 15.39 -9.09
N SER A 35 -16.14 14.58 -9.34
CA SER A 35 -15.95 13.35 -10.13
C SER A 35 -15.67 13.63 -11.60
N SER A 36 -16.25 14.68 -12.16
CA SER A 36 -16.01 14.98 -13.57
C SER A 36 -14.57 15.47 -13.70
N LEU A 37 -14.14 16.24 -12.71
CA LEU A 37 -12.77 16.76 -12.70
C LEU A 37 -11.76 15.61 -12.68
N LEU A 38 -11.95 14.66 -11.76
CA LEU A 38 -11.04 13.52 -11.66
C LEU A 38 -11.06 12.70 -12.92
N THR A 39 -12.24 12.51 -13.51
CA THR A 39 -12.36 11.79 -14.76
C THR A 39 -11.57 12.49 -15.85
N SER A 40 -11.68 13.81 -15.90
CA SER A 40 -10.93 14.57 -16.89
C SER A 40 -9.43 14.49 -16.63
N LEU A 41 -9.02 14.47 -15.35
CA LEU A 41 -7.59 14.38 -15.07
C LEU A 41 -7.08 12.98 -15.44
N ASN A 42 -7.94 11.98 -15.30
CA ASN A 42 -7.52 10.61 -15.70
C ASN A 42 -7.38 10.51 -17.21
N GLN A 43 -8.25 11.19 -17.96
CA GLN A 43 -8.18 11.18 -19.43
C GLN A 43 -6.86 11.87 -19.83
N LEU A 44 -6.52 12.95 -19.12
CA LEU A 44 -5.25 13.64 -19.39
C LEU A 44 -4.10 12.68 -19.08
N GLY A 45 -4.21 11.98 -17.95
CA GLY A 45 -3.19 11.03 -17.52
C GLY A 45 -2.98 9.94 -18.56
N GLU A 46 -4.08 9.46 -19.15
CA GLU A 46 -3.99 8.42 -20.20
C GLU A 46 -3.22 8.97 -21.39
N ARG A 47 -3.49 10.22 -21.74
CA ARG A 47 -2.79 10.84 -22.87
C ARG A 47 -1.33 11.12 -22.55
N GLN A 48 -1.03 11.45 -21.30
CA GLN A 48 0.35 11.69 -20.92
C GLN A 48 1.14 10.38 -20.80
N LEU A 49 0.45 9.30 -20.44
CA LEU A 49 1.12 8.00 -20.33
C LEU A 49 1.63 7.59 -21.70
N LEU A 50 0.81 7.77 -22.72
CA LEU A 50 1.22 7.46 -24.09
C LEU A 50 2.46 8.30 -24.41
N SER A 51 2.36 9.59 -24.09
CA SER A 51 3.44 10.53 -24.35
C SER A 51 4.73 10.08 -23.66
N VAL A 52 4.63 9.66 -22.41
CA VAL A 52 5.78 9.17 -21.66
C VAL A 52 6.44 7.95 -22.30
N VAL A 53 5.64 7.00 -22.76
CA VAL A 53 6.22 5.83 -23.38
C VAL A 53 6.90 6.20 -24.69
N LYS A 54 6.29 7.09 -25.48
CA LYS A 54 6.90 7.54 -26.73
C LYS A 54 8.22 8.26 -26.44
N TRP A 55 8.20 9.13 -25.43
CA TRP A 55 9.38 9.85 -25.02
C TRP A 55 10.50 8.88 -24.65
N SER A 56 10.18 7.84 -23.90
CA SER A 56 11.19 6.88 -23.46
C SER A 56 11.86 6.13 -24.61
N LYS A 57 11.14 5.96 -25.73
CA LYS A 57 11.70 5.24 -26.87
C LYS A 57 12.76 6.09 -27.56
N SER A 58 12.74 7.39 -27.31
CA SER A 58 13.75 8.30 -27.89
C SER A 58 14.82 8.72 -26.87
N LEU A 59 14.62 8.32 -25.62
CA LEU A 59 15.54 8.71 -24.54
C LEU A 59 16.85 7.96 -24.64
N PRO A 60 17.97 8.66 -24.80
CA PRO A 60 19.25 7.94 -24.91
C PRO A 60 19.51 6.90 -23.83
N GLY A 61 19.80 5.68 -24.27
CA GLY A 61 20.11 4.59 -23.36
C GLY A 61 18.94 3.76 -22.87
N PHE A 62 17.74 4.33 -22.84
CA PHE A 62 16.62 3.58 -22.31
C PHE A 62 16.25 2.33 -23.11
N ARG A 63 16.18 2.47 -24.43
CA ARG A 63 15.77 1.36 -25.29
C ARG A 63 16.73 0.19 -25.23
N ASN A 64 17.90 0.42 -24.64
CA ASN A 64 18.91 -0.60 -24.55
C ASN A 64 18.80 -1.47 -23.30
N LEU A 65 17.94 -1.07 -22.36
CA LEU A 65 17.69 -1.86 -21.17
C LEU A 65 16.77 -2.96 -21.65
N HIS A 66 16.71 -4.04 -20.89
CA HIS A 66 15.86 -5.17 -21.21
C HIS A 66 14.43 -4.62 -21.28
N ILE A 67 13.62 -5.15 -22.19
CA ILE A 67 12.23 -4.68 -22.32
C ILE A 67 11.45 -4.75 -21.01
N ASP A 68 11.65 -5.83 -20.24
CA ASP A 68 10.94 -5.95 -18.99
C ASP A 68 11.33 -4.83 -18.03
N ASP A 69 12.60 -4.41 -18.08
CA ASP A 69 13.05 -3.33 -17.23
C ASP A 69 12.44 -2.03 -17.69
N GLN A 70 12.36 -1.82 -19.01
CA GLN A 70 11.81 -0.57 -19.53
C GLN A 70 10.37 -0.47 -19.06
N ILE A 71 9.61 -1.55 -19.22
CA ILE A 71 8.23 -1.55 -18.77
C ILE A 71 8.12 -1.31 -17.26
N THR A 72 8.92 -2.02 -16.47
CA THR A 72 8.91 -1.87 -15.02
C THR A 72 9.24 -0.43 -14.59
N LEU A 73 10.24 0.20 -15.21
CA LEU A 73 10.59 1.57 -14.84
C LEU A 73 9.46 2.58 -15.12
N ILE A 74 8.77 2.40 -16.24
CA ILE A 74 7.65 3.28 -16.58
C ILE A 74 6.50 3.04 -15.60
N GLN A 75 6.20 1.78 -15.28
CA GLN A 75 5.12 1.51 -14.34
C GLN A 75 5.43 2.00 -12.93
N TYR A 76 6.71 2.10 -12.57
CA TYR A 76 7.07 2.60 -11.24
C TYR A 76 7.05 4.12 -11.18
N SER A 77 7.44 4.73 -12.27
CA SER A 77 7.60 6.19 -12.27
C SER A 77 6.60 7.09 -12.94
N TRP A 78 5.58 6.54 -13.61
CA TRP A 78 4.66 7.42 -14.33
C TRP A 78 4.09 8.55 -13.48
N MET A 79 3.65 8.25 -12.25
CA MET A 79 3.07 9.29 -11.39
C MET A 79 4.08 10.38 -11.07
N SER A 80 5.30 9.97 -10.73
CA SER A 80 6.36 10.91 -10.43
C SER A 80 6.65 11.81 -11.61
N LEU A 81 6.77 11.23 -12.80
CA LEU A 81 7.07 12.00 -13.99
C LEU A 81 5.97 12.99 -14.30
N MET A 82 4.72 12.54 -14.16
CA MET A 82 3.60 13.40 -14.46
C MET A 82 3.41 14.54 -13.46
N VAL A 83 3.61 14.28 -12.17
CA VAL A 83 3.46 15.36 -11.20
C VAL A 83 4.63 16.36 -11.33
N PHE A 84 5.80 15.84 -11.70
CA PHE A 84 7.00 16.66 -11.90
C PHE A 84 6.73 17.58 -13.10
N GLY A 85 6.16 17.01 -14.17
CA GLY A 85 5.82 17.79 -15.35
C GLY A 85 4.79 18.85 -15.02
N LEU A 86 3.82 18.49 -14.19
CA LEU A 86 2.80 19.43 -13.75
C LEU A 86 3.49 20.60 -13.05
N GLY A 87 4.48 20.27 -12.23
CA GLY A 87 5.22 21.27 -11.49
C GLY A 87 5.89 22.24 -12.44
N TRP A 88 6.57 21.68 -13.44
CA TRP A 88 7.26 22.53 -14.41
C TRP A 88 6.29 23.44 -15.19
N ARG A 89 5.18 22.90 -15.68
CA ARG A 89 4.24 23.72 -16.43
C ARG A 89 3.63 24.82 -15.56
N SER A 90 3.35 24.47 -14.32
CA SER A 90 2.76 25.44 -13.38
C SER A 90 3.75 26.58 -13.13
N TYR A 91 5.01 26.20 -12.91
CA TYR A 91 6.09 27.15 -12.70
C TYR A 91 6.25 28.07 -13.92
N LYS A 92 6.39 27.48 -15.10
CA LYS A 92 6.60 28.24 -16.33
C LYS A 92 5.47 29.12 -16.82
N HIS A 93 4.24 28.61 -16.77
CA HIS A 93 3.09 29.32 -17.31
C HIS A 93 2.28 30.20 -16.35
N VAL A 94 2.28 29.86 -15.07
CA VAL A 94 1.50 30.64 -14.13
C VAL A 94 2.28 30.98 -12.87
N SER A 95 3.61 31.05 -13.01
CA SER A 95 4.49 31.38 -11.89
C SER A 95 4.25 30.55 -10.64
N GLY A 96 3.81 29.31 -10.85
CA GLY A 96 3.58 28.38 -9.75
C GLY A 96 2.36 28.71 -8.90
N GLN A 97 1.56 29.65 -9.36
CA GLN A 97 0.40 30.07 -8.59
C GLN A 97 -0.92 29.37 -8.89
N MET A 98 -0.92 28.46 -9.87
CA MET A 98 -2.10 27.67 -10.21
C MET A 98 -1.50 26.33 -10.68
N LEU A 99 -2.31 25.27 -10.73
CA LEU A 99 -1.81 23.97 -11.20
C LEU A 99 -2.18 23.85 -12.67
N TYR A 100 -1.18 23.95 -13.52
CA TYR A 100 -1.38 23.92 -14.96
C TYR A 100 -1.32 22.46 -15.47
N PHE A 101 -2.40 21.71 -15.26
CA PHE A 101 -2.43 20.32 -15.72
C PHE A 101 -2.32 20.25 -17.24
N ALA A 102 -3.05 21.12 -17.93
CA ALA A 102 -3.00 21.16 -19.39
C ALA A 102 -3.51 22.56 -19.73
N PRO A 103 -3.33 23.00 -20.98
CA PRO A 103 -3.80 24.32 -21.38
C PRO A 103 -5.32 24.48 -21.21
N ASP A 104 -6.05 23.38 -21.32
CA ASP A 104 -7.50 23.42 -21.16
C ASP A 104 -7.96 22.92 -19.79
N LEU A 105 -7.01 22.75 -18.88
CA LEU A 105 -7.31 22.28 -17.55
C LEU A 105 -6.31 22.89 -16.56
N ILE A 106 -6.60 24.11 -16.14
CA ILE A 106 -5.77 24.84 -15.20
C ILE A 106 -6.59 24.98 -13.93
N LEU A 107 -6.06 24.53 -12.79
CA LEU A 107 -6.79 24.64 -11.54
C LEU A 107 -6.26 25.67 -10.55
N ASN A 108 -7.19 26.42 -9.97
CA ASN A 108 -6.90 27.43 -8.95
C ASN A 108 -7.70 26.98 -7.73
N GLU A 109 -7.45 27.63 -6.59
CA GLU A 109 -8.12 27.32 -5.34
C GLU A 109 -9.63 27.19 -5.45
N GLN A 110 -10.25 28.09 -6.19
CA GLN A 110 -11.71 28.09 -6.37
C GLN A 110 -12.27 26.81 -6.97
N ARG A 111 -11.48 26.14 -7.82
CA ARG A 111 -11.93 24.92 -8.47
C ARG A 111 -11.62 23.65 -7.70
N MET A 112 -10.95 23.80 -6.56
CA MET A 112 -10.62 22.64 -5.74
C MET A 112 -11.56 22.65 -4.54
N LYS A 113 -12.82 22.33 -4.79
CA LYS A 113 -13.84 22.32 -3.74
C LYS A 113 -13.60 21.18 -2.76
N GLU A 114 -13.57 19.97 -3.31
CA GLU A 114 -13.35 18.74 -2.54
C GLU A 114 -12.18 18.92 -1.58
N SER A 115 -12.45 18.81 -0.28
CA SER A 115 -11.39 18.97 0.70
C SER A 115 -10.24 17.95 0.58
N SER A 116 -10.56 16.69 0.25
CA SER A 116 -9.51 15.67 0.11
C SER A 116 -8.64 15.95 -1.11
N PHE A 117 -9.28 16.36 -2.21
CA PHE A 117 -8.56 16.66 -3.45
C PHE A 117 -7.74 17.95 -3.31
N TYR A 118 -8.31 18.94 -2.62
CA TYR A 118 -7.59 20.21 -2.39
C TYR A 118 -6.36 19.89 -1.59
N SER A 119 -6.50 19.02 -0.59
CA SER A 119 -5.35 18.69 0.22
C SER A 119 -4.29 18.01 -0.65
N LEU A 120 -4.72 17.20 -1.62
CA LEU A 120 -3.77 16.53 -2.48
C LEU A 120 -3.09 17.56 -3.40
N CYS A 121 -3.85 18.54 -3.85
CA CYS A 121 -3.29 19.58 -4.70
C CYS A 121 -2.24 20.41 -3.97
N LEU A 122 -2.47 20.68 -2.68
CA LEU A 122 -1.49 21.44 -1.89
C LEU A 122 -0.18 20.67 -1.81
N THR A 123 -0.30 19.35 -1.79
CA THR A 123 0.87 18.49 -1.73
C THR A 123 1.59 18.60 -3.07
N MET A 124 0.82 18.56 -4.16
CA MET A 124 1.40 18.67 -5.49
C MET A 124 2.04 20.05 -5.66
N TRP A 125 1.39 21.06 -5.10
CA TRP A 125 1.85 22.44 -5.21
C TRP A 125 3.27 22.67 -4.67
N GLN A 126 3.72 21.76 -3.81
CA GLN A 126 5.05 21.87 -3.23
C GLN A 126 6.14 21.90 -4.30
N ILE A 127 5.92 21.17 -5.39
CA ILE A 127 6.93 21.14 -6.44
C ILE A 127 7.11 22.49 -7.15
N PRO A 128 6.03 23.07 -7.71
CA PRO A 128 6.19 24.37 -8.40
C PRO A 128 6.80 25.40 -7.45
N GLN A 129 6.44 25.27 -6.16
CA GLN A 129 6.94 26.19 -5.15
C GLN A 129 8.44 26.09 -5.00
N GLU A 130 8.98 24.87 -5.00
CA GLU A 130 10.41 24.71 -4.90
C GLU A 130 11.06 25.14 -6.18
N PHE A 131 10.37 24.95 -7.31
CA PHE A 131 10.89 25.35 -8.62
C PHE A 131 11.06 26.85 -8.63
N VAL A 132 10.09 27.57 -8.08
CA VAL A 132 10.14 29.03 -8.01
C VAL A 132 11.26 29.47 -7.08
N LYS A 133 11.31 28.86 -5.89
CA LYS A 133 12.32 29.19 -4.89
C LYS A 133 13.76 28.96 -5.40
N LEU A 134 13.99 27.80 -6.00
CA LEU A 134 15.32 27.47 -6.50
C LEU A 134 15.62 28.02 -7.89
N GLN A 135 14.58 28.50 -8.59
CA GLN A 135 14.73 29.00 -9.96
C GLN A 135 15.39 27.94 -10.85
N VAL A 136 14.81 26.74 -10.84
CA VAL A 136 15.29 25.61 -11.66
C VAL A 136 15.25 25.96 -13.14
N SER A 137 16.31 25.59 -13.85
CA SER A 137 16.39 25.89 -15.26
C SER A 137 15.85 24.74 -16.11
N GLN A 138 15.50 25.06 -17.35
CA GLN A 138 14.98 24.07 -18.28
C GLN A 138 16.00 22.92 -18.38
N GLU A 139 17.28 23.27 -18.44
CA GLU A 139 18.34 22.27 -18.58
C GLU A 139 18.43 21.36 -17.36
N GLU A 140 18.27 21.93 -16.16
CA GLU A 140 18.29 21.13 -14.93
C GLU A 140 17.05 20.26 -14.86
N PHE A 141 15.89 20.83 -15.18
CA PHE A 141 14.63 20.08 -15.13
C PHE A 141 14.67 18.83 -16.04
N LEU A 142 15.19 19.00 -17.25
CA LEU A 142 15.26 17.90 -18.21
C LEU A 142 16.06 16.69 -17.69
N CYS A 143 17.21 16.95 -17.06
CA CYS A 143 18.03 15.89 -16.51
C CYS A 143 17.38 15.30 -15.25
N MET A 144 16.79 16.15 -14.43
CA MET A 144 16.14 15.63 -13.24
C MET A 144 14.97 14.72 -13.62
N LYS A 145 14.27 15.02 -14.70
CA LYS A 145 13.12 14.18 -15.09
C LYS A 145 13.58 12.77 -15.47
N VAL A 146 14.75 12.68 -16.11
CA VAL A 146 15.26 11.36 -16.48
C VAL A 146 15.65 10.61 -15.22
N LEU A 147 16.26 11.30 -14.28
CA LEU A 147 16.66 10.66 -13.03
C LEU A 147 15.43 10.14 -12.28
N LEU A 148 14.29 10.78 -12.46
CA LEU A 148 13.07 10.32 -11.82
C LEU A 148 12.60 9.01 -12.44
N LEU A 149 12.76 8.89 -13.76
CA LEU A 149 12.39 7.66 -14.46
C LEU A 149 13.22 6.50 -13.91
N LEU A 150 14.44 6.81 -13.51
CA LEU A 150 15.39 5.82 -13.02
C LEU A 150 15.52 5.87 -11.52
N ASN A 151 14.49 6.32 -10.80
CA ASN A 151 14.63 6.48 -9.35
C ASN A 151 14.12 5.38 -8.42
N THR A 152 13.59 4.31 -9.01
CA THR A 152 13.06 3.20 -8.22
C THR A 152 13.25 1.93 -9.03
N ILE A 153 13.74 0.87 -8.37
CA ILE A 153 13.92 -0.42 -9.03
C ILE A 153 13.37 -1.54 -8.16
N PRO A 154 13.22 -2.74 -8.73
CA PRO A 154 12.70 -3.88 -7.98
C PRO A 154 13.65 -4.28 -6.85
N LEU A 155 13.10 -4.93 -5.83
CA LEU A 155 13.89 -5.38 -4.69
C LEU A 155 15.03 -6.28 -5.15
N GLU A 156 14.80 -7.04 -6.21
CA GLU A 156 15.82 -7.94 -6.72
C GLU A 156 16.67 -7.28 -7.81
N GLY A 157 16.42 -5.99 -8.04
CA GLY A 157 17.18 -5.29 -9.06
C GLY A 157 16.59 -5.55 -10.43
N LEU A 158 17.21 -4.96 -11.45
CA LEU A 158 16.78 -5.08 -12.83
C LEU A 158 17.59 -6.15 -13.57
N ARG A 159 17.04 -6.68 -14.66
CA ARG A 159 17.75 -7.68 -15.45
C ARG A 159 19.01 -7.02 -16.05
N SER A 160 18.86 -5.77 -16.49
CA SER A 160 19.95 -5.00 -17.06
C SER A 160 20.47 -4.02 -16.00
N GLN A 161 20.80 -4.54 -14.82
CA GLN A 161 21.27 -3.67 -13.75
C GLN A 161 22.54 -2.90 -14.12
N THR A 162 23.50 -3.57 -14.73
CA THR A 162 24.74 -2.88 -15.13
C THR A 162 24.48 -1.72 -16.06
N GLN A 163 23.72 -1.99 -17.12
CA GLN A 163 23.37 -0.95 -18.09
C GLN A 163 22.60 0.16 -17.40
N PHE A 164 21.75 -0.21 -16.46
CA PHE A 164 20.94 0.76 -15.73
C PHE A 164 21.82 1.69 -14.89
N GLU A 165 22.80 1.10 -14.20
CA GLU A 165 23.72 1.90 -13.38
C GLU A 165 24.47 2.91 -14.23
N GLU A 166 25.00 2.45 -15.36
CA GLU A 166 25.74 3.32 -16.26
C GLU A 166 24.83 4.44 -16.78
N MET A 167 23.59 4.10 -17.10
CA MET A 167 22.68 5.11 -17.61
C MET A 167 22.43 6.17 -16.55
N ARG A 168 22.13 5.72 -15.34
CA ARG A 168 21.85 6.63 -14.25
C ARG A 168 23.06 7.56 -14.00
N SER A 169 24.26 7.00 -13.97
CA SER A 169 25.47 7.80 -13.76
C SER A 169 25.66 8.84 -14.85
N SER A 170 25.39 8.46 -16.09
CA SER A 170 25.53 9.37 -17.22
C SER A 170 24.59 10.56 -17.06
N TYR A 171 23.38 10.31 -16.58
CA TYR A 171 22.44 11.41 -16.39
C TYR A 171 22.75 12.23 -15.15
N ILE A 172 23.37 11.63 -14.16
CA ILE A 172 23.74 12.38 -12.97
C ILE A 172 24.86 13.33 -13.44
N ARG A 173 25.74 12.83 -14.29
CA ARG A 173 26.80 13.69 -14.79
C ARG A 173 26.23 14.77 -15.67
N GLU A 174 25.14 14.48 -16.37
CA GLU A 174 24.57 15.49 -17.23
C GLU A 174 23.88 16.59 -16.40
N LEU A 175 23.28 16.20 -15.28
CA LEU A 175 22.65 17.18 -14.38
C LEU A 175 23.74 18.12 -13.87
N ILE A 176 24.92 17.56 -13.58
CA ILE A 176 26.02 18.39 -13.10
C ILE A 176 26.38 19.43 -14.14
N LYS A 177 26.46 19.02 -15.41
CA LYS A 177 26.76 19.95 -16.50
C LYS A 177 25.68 21.02 -16.61
N ALA A 178 24.42 20.62 -16.43
CA ALA A 178 23.33 21.58 -16.52
C ALA A 178 23.51 22.63 -15.42
N ILE A 179 23.88 22.16 -14.24
CA ILE A 179 24.08 23.05 -13.09
C ILE A 179 25.25 23.99 -13.39
N GLY A 180 26.29 23.44 -14.01
CA GLY A 180 27.47 24.22 -14.36
C GLY A 180 27.21 25.35 -15.36
N LEU A 181 26.14 25.23 -16.13
CA LEU A 181 25.81 26.25 -17.11
C LEU A 181 25.55 27.61 -16.46
N ARG A 182 25.12 27.59 -15.20
CA ARG A 182 24.81 28.82 -14.48
C ARG A 182 25.40 28.90 -13.08
N GLN A 183 25.91 27.78 -12.58
CA GLN A 183 26.52 27.75 -11.25
C GLN A 183 28.04 27.66 -11.35
N LYS A 184 28.63 28.85 -11.46
CA LYS A 184 30.08 29.04 -11.57
C LYS A 184 30.85 28.51 -10.36
N GLY A 185 30.46 28.95 -9.16
CA GLY A 185 31.13 28.52 -7.95
C GLY A 185 31.24 27.01 -7.81
N VAL A 186 32.40 26.52 -7.40
CA VAL A 186 32.62 25.09 -7.23
C VAL A 186 31.82 24.57 -6.05
N VAL A 187 31.59 25.43 -5.07
CA VAL A 187 30.83 25.05 -3.88
C VAL A 187 29.36 25.42 -4.11
N SER A 188 29.13 26.52 -4.81
CA SER A 188 27.78 26.96 -5.12
C SER A 188 27.13 25.90 -6.01
N SER A 189 27.92 25.36 -6.93
CA SER A 189 27.43 24.33 -7.84
C SER A 189 27.24 23.05 -7.05
N SER A 190 28.11 22.85 -6.07
CA SER A 190 28.04 21.67 -5.22
C SER A 190 26.80 21.74 -4.35
N GLN A 191 26.56 22.92 -3.77
CA GLN A 191 25.39 23.11 -2.93
C GLN A 191 24.13 23.00 -3.79
N ARG A 192 24.26 23.37 -5.06
CA ARG A 192 23.15 23.32 -6.01
C ARG A 192 22.80 21.87 -6.30
N PHE A 193 23.84 21.07 -6.47
CA PHE A 193 23.65 19.66 -6.75
C PHE A 193 22.95 19.04 -5.56
N TYR A 194 23.35 19.45 -4.37
CA TYR A 194 22.75 18.93 -3.15
C TYR A 194 21.26 19.26 -3.08
N GLN A 195 20.93 20.51 -3.37
CA GLN A 195 19.55 20.97 -3.33
C GLN A 195 18.66 20.24 -4.33
N LEU A 196 19.14 20.13 -5.57
CA LEU A 196 18.36 19.47 -6.60
C LEU A 196 18.16 17.98 -6.33
N THR A 197 19.21 17.30 -5.87
CA THR A 197 19.10 15.88 -5.58
C THR A 197 18.28 15.65 -4.31
N LYS A 198 18.27 16.62 -3.41
CA LYS A 198 17.48 16.47 -2.19
C LYS A 198 16.01 16.58 -2.60
N LEU A 199 15.72 17.44 -3.57
CA LEU A 199 14.36 17.60 -4.06
C LEU A 199 13.86 16.27 -4.65
N LEU A 200 14.71 15.62 -5.45
CA LEU A 200 14.32 14.33 -6.03
C LEU A 200 14.05 13.31 -4.92
N ASP A 201 14.91 13.28 -3.90
CA ASP A 201 14.71 12.37 -2.77
C ASP A 201 13.35 12.64 -2.13
N ASN A 202 13.05 13.91 -1.89
CA ASN A 202 11.77 14.27 -1.27
C ASN A 202 10.56 13.89 -2.10
N LEU A 203 10.73 13.75 -3.40
CA LEU A 203 9.60 13.38 -4.25
C LEU A 203 8.99 12.02 -3.86
N HIS A 204 9.83 11.11 -3.37
CA HIS A 204 9.35 9.79 -2.98
C HIS A 204 8.19 9.86 -1.98
N ASP A 205 8.34 10.64 -0.92
CA ASP A 205 7.26 10.73 0.07
C ASP A 205 6.06 11.45 -0.52
N LEU A 206 6.32 12.47 -1.33
CA LEU A 206 5.25 13.22 -1.97
C LEU A 206 4.41 12.32 -2.88
N VAL A 207 5.09 11.60 -3.77
CA VAL A 207 4.41 10.70 -4.71
C VAL A 207 3.61 9.60 -4.02
N LYS A 208 4.07 9.16 -2.85
CA LYS A 208 3.38 8.12 -2.11
C LYS A 208 1.95 8.56 -1.75
N GLN A 209 1.75 9.85 -1.46
CA GLN A 209 0.42 10.33 -1.13
C GLN A 209 -0.43 10.32 -2.41
N LEU A 210 0.18 10.67 -3.54
CA LEU A 210 -0.55 10.63 -4.80
C LEU A 210 -0.90 9.16 -5.13
N HIS A 211 0.03 8.24 -4.91
CA HIS A 211 -0.23 6.80 -5.18
C HIS A 211 -1.39 6.28 -4.34
N LEU A 212 -1.40 6.65 -3.06
CA LEU A 212 -2.48 6.20 -2.18
C LEU A 212 -3.82 6.76 -2.60
N TYR A 213 -3.87 8.06 -2.91
CA TYR A 213 -5.13 8.69 -3.32
C TYR A 213 -5.65 8.03 -4.61
N CYS A 214 -4.74 7.79 -5.55
CA CYS A 214 -5.09 7.17 -6.83
C CYS A 214 -5.67 5.76 -6.66
N LEU A 215 -4.96 4.92 -5.91
CA LEU A 215 -5.41 3.55 -5.70
C LEU A 215 -6.75 3.51 -4.97
N ASN A 216 -6.96 4.42 -4.02
CA ASN A 216 -8.24 4.49 -3.32
C ASN A 216 -9.37 4.88 -4.27
N THR A 217 -9.15 5.92 -5.07
CA THR A 217 -10.16 6.37 -6.01
C THR A 217 -10.44 5.33 -7.08
N PHE A 218 -9.41 4.58 -7.44
CA PHE A 218 -9.50 3.52 -8.44
C PHE A 218 -10.39 2.40 -7.90
N ILE A 219 -10.18 2.01 -6.65
CA ILE A 219 -11.00 0.97 -6.02
C ILE A 219 -12.45 1.43 -5.84
N GLN A 220 -12.65 2.73 -5.61
CA GLN A 220 -14.00 3.26 -5.40
C GLN A 220 -14.53 3.94 -6.65
N SER A 221 -13.86 3.75 -7.78
CA SER A 221 -14.25 4.40 -9.03
C SER A 221 -15.74 4.32 -9.38
N ARG A 222 -16.36 3.16 -9.25
CA ARG A 222 -17.77 3.07 -9.58
C ARG A 222 -18.61 3.88 -8.60
N ALA A 223 -18.21 3.86 -7.33
CA ALA A 223 -18.94 4.59 -6.30
C ALA A 223 -18.75 6.10 -6.42
N LEU A 224 -17.57 6.51 -6.84
CA LEU A 224 -17.25 7.92 -6.98
C LEU A 224 -17.60 8.46 -8.36
N SER A 225 -18.05 7.58 -9.24
CA SER A 225 -18.39 7.96 -10.60
C SER A 225 -17.16 8.49 -11.32
N VAL A 226 -15.99 7.94 -11.01
CA VAL A 226 -14.75 8.36 -11.66
C VAL A 226 -14.28 7.29 -12.63
N GLU A 227 -14.13 7.65 -13.90
CA GLU A 227 -13.68 6.71 -14.91
C GLU A 227 -12.16 6.72 -15.10
N PHE A 228 -11.55 5.53 -15.17
CA PHE A 228 -10.11 5.40 -15.41
C PHE A 228 -9.97 4.71 -16.75
N PRO A 229 -9.18 5.28 -17.68
CA PRO A 229 -9.00 4.67 -19.00
C PRO A 229 -8.19 3.36 -18.88
N GLU A 230 -8.15 2.59 -19.95
CA GLU A 230 -7.46 1.30 -19.98
C GLU A 230 -5.97 1.23 -19.68
N MET A 231 -5.17 2.09 -20.31
CA MET A 231 -3.73 2.02 -20.07
C MET A 231 -3.39 2.43 -18.65
N MET A 232 -4.08 3.42 -18.12
CA MET A 232 -3.83 3.88 -16.77
C MET A 232 -4.29 2.83 -15.78
N SER A 233 -5.42 2.20 -16.08
CA SER A 233 -5.93 1.16 -15.21
C SER A 233 -4.91 0.01 -15.15
N GLU A 234 -4.28 -0.28 -16.28
CA GLU A 234 -3.30 -1.36 -16.31
C GLU A 234 -2.08 -1.08 -15.46
N VAL A 235 -1.49 0.11 -15.55
CA VAL A 235 -0.32 0.38 -14.75
C VAL A 235 -0.66 0.41 -13.26
N ILE A 236 -1.86 0.91 -12.92
CA ILE A 236 -2.26 0.97 -11.51
C ILE A 236 -2.37 -0.42 -10.95
N ALA A 237 -3.09 -1.28 -11.67
CA ALA A 237 -3.28 -2.65 -11.24
C ALA A 237 -1.99 -3.47 -11.24
N ALA A 238 -1.11 -3.19 -12.19
CA ALA A 238 0.13 -3.95 -12.27
C ALA A 238 1.15 -3.65 -11.16
N GLN A 239 1.19 -2.41 -10.67
CA GLN A 239 2.19 -2.09 -9.67
C GLN A 239 1.84 -1.27 -8.43
N LEU A 240 0.78 -0.45 -8.47
CA LEU A 240 0.52 0.38 -7.30
C LEU A 240 0.45 -0.29 -5.94
N PRO A 241 -0.31 -1.39 -5.83
CA PRO A 241 -0.33 -2.03 -4.50
C PRO A 241 1.07 -2.45 -4.04
N LYS A 242 1.88 -2.98 -4.95
CA LYS A 242 3.24 -3.41 -4.61
C LYS A 242 4.08 -2.20 -4.18
N ILE A 243 4.01 -1.14 -4.96
CA ILE A 243 4.76 0.09 -4.64
C ILE A 243 4.34 0.64 -3.28
N LEU A 244 3.04 0.77 -3.06
CA LEU A 244 2.56 1.29 -1.77
C LEU A 244 2.97 0.42 -0.59
N ALA A 245 3.00 -0.88 -0.78
CA ALA A 245 3.38 -1.78 0.29
C ALA A 245 4.89 -1.68 0.55
N GLY A 246 5.60 -0.92 -0.27
CA GLY A 246 7.04 -0.79 -0.09
C GLY A 246 7.84 -1.99 -0.56
N MET A 247 7.34 -2.72 -1.57
CA MET A 247 8.05 -3.88 -2.06
C MET A 247 8.88 -3.52 -3.30
N VAL A 248 9.52 -2.35 -3.21
CA VAL A 248 10.38 -1.82 -4.26
C VAL A 248 11.50 -1.09 -3.56
N LYS A 249 12.58 -0.82 -4.30
CA LYS A 249 13.74 -0.16 -3.75
C LYS A 249 13.91 1.27 -4.25
N PRO A 250 13.47 2.26 -3.46
CA PRO A 250 13.59 3.65 -3.87
C PRO A 250 15.07 4.01 -3.85
N LEU A 251 15.58 4.66 -4.90
CA LEU A 251 16.99 5.04 -4.89
C LEU A 251 17.06 6.43 -4.32
N LEU A 252 17.97 6.63 -3.38
CA LEU A 252 18.12 7.93 -2.73
C LEU A 252 19.52 8.50 -2.93
N PHE A 253 19.60 9.81 -3.10
CA PHE A 253 20.91 10.47 -3.26
C PHE A 253 21.53 10.78 -1.92
N HIS A 254 20.68 10.92 -0.90
CA HIS A 254 21.17 11.24 0.43
C HIS A 254 20.67 10.23 1.45
N LYS A 255 21.63 9.69 2.21
CA LYS A 255 21.36 8.71 3.24
C LYS A 255 20.45 9.30 4.31
N LEU B 6 -8.02 -21.52 39.76
CA LEU B 6 -9.05 -21.59 38.68
C LEU B 6 -8.82 -20.53 37.60
N ILE B 7 -9.65 -20.57 36.56
CA ILE B 7 -9.52 -19.64 35.44
C ILE B 7 -10.05 -18.22 35.73
N PRO B 8 -9.29 -17.18 35.35
CA PRO B 8 -9.70 -15.79 35.58
C PRO B 8 -11.05 -15.56 34.91
N PRO B 9 -11.97 -14.88 35.61
CA PRO B 9 -13.30 -14.64 35.04
C PRO B 9 -13.30 -14.09 33.61
N LEU B 10 -12.50 -13.06 33.34
CA LEU B 10 -12.48 -12.48 32.00
C LEU B 10 -12.13 -13.53 30.94
N ILE B 11 -11.26 -14.46 31.29
CA ILE B 11 -10.87 -15.51 30.36
C ILE B 11 -12.02 -16.50 30.15
N ASN B 12 -12.76 -16.82 31.21
CA ASN B 12 -13.90 -17.73 31.03
C ASN B 12 -14.93 -17.05 30.16
N LEU B 13 -15.08 -15.75 30.34
CA LEU B 13 -16.06 -15.02 29.54
C LEU B 13 -15.63 -15.09 28.08
N LEU B 14 -14.34 -14.85 27.82
CA LEU B 14 -13.83 -14.89 26.45
C LEU B 14 -14.10 -16.24 25.82
N MET B 15 -13.98 -17.33 26.57
CA MET B 15 -14.25 -18.65 26.01
C MET B 15 -15.73 -18.80 25.71
N SER B 16 -16.55 -18.22 26.55
CA SER B 16 -18.01 -18.27 26.41
C SER B 16 -18.54 -17.63 25.13
N ILE B 17 -17.93 -16.53 24.70
CA ILE B 17 -18.40 -15.83 23.52
C ILE B 17 -17.67 -16.19 22.22
N GLU B 18 -16.74 -17.14 22.30
CA GLU B 18 -16.00 -17.54 21.11
C GLU B 18 -17.01 -18.10 20.11
N PRO B 19 -16.91 -17.72 18.83
CA PRO B 19 -17.81 -18.20 17.78
C PRO B 19 -17.81 -19.71 17.59
N ASP B 20 -18.93 -20.25 17.13
CA ASP B 20 -19.03 -21.68 16.88
C ASP B 20 -18.33 -21.91 15.53
N VAL B 21 -18.07 -23.16 15.18
CA VAL B 21 -17.42 -23.44 13.91
C VAL B 21 -18.23 -22.90 12.75
N ILE B 22 -17.54 -22.38 11.74
CA ILE B 22 -18.21 -21.83 10.57
C ILE B 22 -17.77 -22.63 9.35
N TYR B 23 -18.74 -23.00 8.50
CA TYR B 23 -18.47 -23.77 7.29
C TYR B 23 -18.26 -22.84 6.09
N ALA B 24 -17.46 -23.29 5.13
CA ALA B 24 -17.19 -22.50 3.93
C ALA B 24 -18.28 -22.68 2.87
N GLY B 25 -19.02 -23.79 2.97
CA GLY B 25 -20.04 -24.09 1.98
C GLY B 25 -19.38 -24.51 0.68
N HIS B 26 -18.17 -25.04 0.78
CA HIS B 26 -17.41 -25.43 -0.40
C HIS B 26 -17.81 -26.77 -1.02
N ASP B 27 -17.76 -26.83 -2.35
CA ASP B 27 -18.11 -28.03 -3.12
C ASP B 27 -17.50 -29.34 -2.62
N ASN B 28 -16.27 -29.60 -3.05
CA ASN B 28 -15.53 -30.82 -2.71
C ASN B 28 -15.92 -31.98 -3.59
N THR B 29 -17.02 -31.87 -4.32
CA THR B 29 -17.43 -32.94 -5.22
C THR B 29 -16.74 -32.63 -6.54
N LYS B 30 -16.38 -31.37 -6.72
CA LYS B 30 -15.68 -30.91 -7.92
C LYS B 30 -14.21 -30.66 -7.63
N PRO B 31 -13.34 -30.82 -8.64
CA PRO B 31 -11.89 -30.60 -8.50
C PRO B 31 -11.59 -29.12 -8.28
N ASP B 32 -10.60 -28.84 -7.43
CA ASP B 32 -10.19 -27.45 -7.14
C ASP B 32 -9.73 -26.70 -8.38
N THR B 33 -10.02 -25.40 -8.41
CA THR B 33 -9.57 -24.52 -9.47
C THR B 33 -9.20 -23.29 -8.66
N SER B 34 -8.22 -22.52 -9.13
CA SER B 34 -7.80 -21.33 -8.41
C SER B 34 -8.98 -20.44 -8.07
N SER B 35 -9.86 -20.23 -9.03
CA SER B 35 -11.00 -19.36 -8.81
C SER B 35 -12.06 -19.89 -7.85
N SER B 36 -12.34 -21.18 -7.88
CA SER B 36 -13.37 -21.75 -6.98
C SER B 36 -12.88 -21.82 -5.55
N LEU B 37 -11.59 -22.13 -5.37
CA LEU B 37 -10.99 -22.23 -4.04
C LEU B 37 -10.90 -20.84 -3.38
N LEU B 38 -10.39 -19.84 -4.11
CA LEU B 38 -10.30 -18.50 -3.54
C LEU B 38 -11.72 -17.92 -3.32
N THR B 39 -12.65 -18.26 -4.19
CA THR B 39 -14.02 -17.76 -4.03
C THR B 39 -14.63 -18.37 -2.75
N SER B 40 -14.37 -19.66 -2.50
CA SER B 40 -14.89 -20.30 -1.30
C SER B 40 -14.21 -19.71 -0.05
N LEU B 41 -12.93 -19.42 -0.15
CA LEU B 41 -12.25 -18.84 1.00
C LEU B 41 -12.87 -17.48 1.29
N ASN B 42 -13.22 -16.74 0.24
CA ASN B 42 -13.85 -15.44 0.45
C ASN B 42 -15.23 -15.55 1.08
N GLN B 43 -16.00 -16.58 0.70
CA GLN B 43 -17.32 -16.78 1.27
C GLN B 43 -17.14 -17.11 2.75
N LEU B 44 -16.13 -17.91 3.04
CA LEU B 44 -15.83 -18.27 4.42
C LEU B 44 -15.45 -16.99 5.17
N GLY B 45 -14.58 -16.19 4.55
CA GLY B 45 -14.18 -14.93 5.13
C GLY B 45 -15.36 -14.06 5.47
N GLU B 46 -16.33 -14.00 4.56
CA GLU B 46 -17.54 -13.20 4.76
C GLU B 46 -18.29 -13.67 6.00
N ARG B 47 -18.47 -14.99 6.11
CA ARG B 47 -19.18 -15.56 7.25
C ARG B 47 -18.41 -15.31 8.54
N GLN B 48 -17.10 -15.46 8.48
CA GLN B 48 -16.30 -15.23 9.66
C GLN B 48 -16.32 -13.76 10.05
N LEU B 49 -16.40 -12.86 9.07
CA LEU B 49 -16.43 -11.43 9.36
C LEU B 49 -17.72 -11.11 10.12
N LEU B 50 -18.83 -11.72 9.70
CA LEU B 50 -20.08 -11.50 10.41
C LEU B 50 -19.96 -11.96 11.86
N SER B 51 -19.25 -13.08 12.07
CA SER B 51 -19.08 -13.61 13.42
C SER B 51 -18.17 -12.72 14.26
N VAL B 52 -17.15 -12.13 13.65
CA VAL B 52 -16.26 -11.19 14.34
C VAL B 52 -17.06 -9.99 14.82
N VAL B 53 -17.96 -9.47 14.00
CA VAL B 53 -18.74 -8.32 14.44
C VAL B 53 -19.59 -8.72 15.64
N LYS B 54 -20.28 -9.86 15.55
CA LYS B 54 -21.11 -10.38 16.65
C LYS B 54 -20.25 -10.53 17.92
N TRP B 55 -19.11 -11.18 17.78
CA TRP B 55 -18.18 -11.38 18.88
C TRP B 55 -17.77 -10.06 19.54
N SER B 56 -17.43 -9.07 18.72
CA SER B 56 -16.98 -7.78 19.24
C SER B 56 -18.05 -7.09 20.08
N LYS B 57 -19.32 -7.37 19.75
CA LYS B 57 -20.44 -6.79 20.48
C LYS B 57 -20.58 -7.40 21.87
N SER B 58 -20.02 -8.60 22.05
CA SER B 58 -20.07 -9.30 23.34
C SER B 58 -18.75 -9.17 24.10
N LEU B 59 -17.73 -8.67 23.42
CA LEU B 59 -16.39 -8.51 24.01
C LEU B 59 -16.34 -7.40 25.05
N PRO B 60 -16.03 -7.75 26.31
CA PRO B 60 -15.96 -6.77 27.39
C PRO B 60 -15.10 -5.55 27.04
N GLY B 61 -15.74 -4.39 27.13
CA GLY B 61 -15.06 -3.13 26.86
C GLY B 61 -15.23 -2.56 25.46
N PHE B 62 -15.33 -3.42 24.45
CA PHE B 62 -15.40 -2.95 23.07
C PHE B 62 -16.58 -2.03 22.75
N ARG B 63 -17.78 -2.42 23.16
CA ARG B 63 -18.97 -1.62 22.86
C ARG B 63 -18.93 -0.21 23.45
N ASN B 64 -18.00 0.02 24.38
CA ASN B 64 -17.89 1.31 25.02
C ASN B 64 -16.98 2.29 24.28
N LEU B 65 -16.35 1.81 23.21
CA LEU B 65 -15.52 2.68 22.38
C LEU B 65 -16.50 3.33 21.40
N HIS B 66 -16.16 4.50 20.89
CA HIS B 66 -17.02 5.19 19.92
C HIS B 66 -17.28 4.20 18.78
N ILE B 67 -18.50 4.21 18.23
CA ILE B 67 -18.85 3.30 17.13
C ILE B 67 -17.85 3.42 15.98
N ASP B 68 -17.37 4.63 15.71
CA ASP B 68 -16.41 4.77 14.62
C ASP B 68 -15.09 4.07 14.90
N ASP B 69 -14.64 4.07 16.16
CA ASP B 69 -13.39 3.36 16.49
C ASP B 69 -13.61 1.85 16.39
N GLN B 70 -14.79 1.37 16.77
CA GLN B 70 -15.08 -0.05 16.69
C GLN B 70 -14.97 -0.52 15.25
N ILE B 71 -15.60 0.23 14.36
CA ILE B 71 -15.58 -0.11 12.96
C ILE B 71 -14.16 -0.06 12.43
N THR B 72 -13.44 0.99 12.78
CA THR B 72 -12.06 1.11 12.33
C THR B 72 -11.21 -0.06 12.81
N LEU B 73 -11.34 -0.43 14.08
CA LEU B 73 -10.53 -1.54 14.60
C LEU B 73 -10.83 -2.86 13.91
N ILE B 74 -12.10 -3.12 13.61
CA ILE B 74 -12.43 -4.35 12.92
C ILE B 74 -11.88 -4.30 11.49
N GLN B 75 -12.00 -3.15 10.84
CA GLN B 75 -11.50 -2.98 9.48
C GLN B 75 -9.99 -3.11 9.41
N TYR B 76 -9.30 -2.72 10.47
CA TYR B 76 -7.84 -2.84 10.49
C TYR B 76 -7.35 -4.26 10.81
N SER B 77 -8.07 -4.95 11.68
CA SER B 77 -7.61 -6.24 12.16
C SER B 77 -8.24 -7.52 11.64
N TRP B 78 -9.28 -7.45 10.82
CA TRP B 78 -9.92 -8.69 10.39
C TRP B 78 -8.99 -9.78 9.81
N MET B 79 -8.04 -9.40 8.97
CA MET B 79 -7.14 -10.42 8.41
C MET B 79 -6.32 -11.09 9.50
N SER B 80 -5.84 -10.29 10.44
CA SER B 80 -5.02 -10.81 11.52
C SER B 80 -5.86 -11.75 12.38
N LEU B 81 -7.08 -11.34 12.74
CA LEU B 81 -7.93 -12.22 13.51
C LEU B 81 -8.23 -13.53 12.80
N MET B 82 -8.49 -13.47 11.49
CA MET B 82 -8.82 -14.70 10.78
C MET B 82 -7.67 -15.64 10.55
N VAL B 83 -6.47 -15.11 10.30
CA VAL B 83 -5.33 -16.00 10.09
C VAL B 83 -4.93 -16.60 11.44
N PHE B 84 -5.14 -15.84 12.52
CA PHE B 84 -4.82 -16.34 13.85
C PHE B 84 -5.79 -17.47 14.20
N GLY B 85 -7.06 -17.28 13.85
CA GLY B 85 -8.10 -18.28 14.10
C GLY B 85 -7.80 -19.52 13.29
N LEU B 86 -7.38 -19.33 12.03
CA LEU B 86 -7.02 -20.44 11.15
C LEU B 86 -5.90 -21.25 11.83
N GLY B 87 -4.94 -20.53 12.38
CA GLY B 87 -3.82 -21.16 13.03
C GLY B 87 -4.29 -22.03 14.19
N TRP B 88 -5.19 -21.48 14.99
CA TRP B 88 -5.71 -22.21 16.13
C TRP B 88 -6.49 -23.47 15.73
N ARG B 89 -7.39 -23.35 14.75
CA ARG B 89 -8.14 -24.52 14.32
C ARG B 89 -7.25 -25.60 13.74
N SER B 90 -6.21 -25.21 13.04
CA SER B 90 -5.31 -26.20 12.43
C SER B 90 -4.57 -26.90 13.56
N TYR B 91 -4.07 -26.10 14.49
CA TYR B 91 -3.33 -26.61 15.65
C TYR B 91 -4.16 -27.59 16.49
N LYS B 92 -5.42 -27.26 16.70
CA LYS B 92 -6.28 -28.08 17.55
C LYS B 92 -7.00 -29.26 16.89
N HIS B 93 -7.23 -29.21 15.58
CA HIS B 93 -7.94 -30.30 14.91
C HIS B 93 -7.10 -31.24 14.08
N VAL B 94 -6.03 -30.74 13.49
CA VAL B 94 -5.19 -31.60 12.67
C VAL B 94 -3.73 -31.56 13.08
N SER B 95 -3.49 -31.32 14.37
CA SER B 95 -2.14 -31.27 14.91
C SER B 95 -1.28 -30.27 14.18
N GLY B 96 -1.91 -29.28 13.57
CA GLY B 96 -1.19 -28.24 12.85
C GLY B 96 -0.60 -28.68 11.51
N GLN B 97 -0.96 -29.87 11.05
CA GLN B 97 -0.40 -30.38 9.81
C GLN B 97 -1.24 -30.26 8.53
N MET B 98 -2.32 -29.48 8.61
CA MET B 98 -3.16 -29.18 7.46
C MET B 98 -3.73 -27.81 7.79
N LEU B 99 -4.22 -27.09 6.79
CA LEU B 99 -4.81 -25.77 7.04
C LEU B 99 -6.30 -26.04 7.16
N TYR B 100 -6.80 -25.86 8.38
CA TYR B 100 -8.20 -26.13 8.70
C TYR B 100 -9.00 -24.84 8.60
N PHE B 101 -9.28 -24.42 7.37
CA PHE B 101 -10.05 -23.19 7.14
C PHE B 101 -11.46 -23.39 7.69
N ALA B 102 -12.00 -24.58 7.45
CA ALA B 102 -13.34 -24.95 7.92
C ALA B 102 -13.46 -26.47 7.86
N PRO B 103 -14.50 -27.04 8.50
CA PRO B 103 -14.65 -28.49 8.46
C PRO B 103 -14.79 -29.07 7.05
N ASP B 104 -15.32 -28.25 6.14
CA ASP B 104 -15.55 -28.64 4.74
C ASP B 104 -14.52 -28.02 3.78
N LEU B 105 -13.47 -27.45 4.35
CA LEU B 105 -12.41 -26.83 3.55
C LEU B 105 -11.10 -26.99 4.30
N ILE B 106 -10.55 -28.19 4.19
CA ILE B 106 -9.30 -28.53 4.84
C ILE B 106 -8.30 -28.78 3.73
N LEU B 107 -7.15 -28.15 3.84
CA LEU B 107 -6.12 -28.32 2.83
C LEU B 107 -4.87 -28.98 3.38
N ASN B 108 -4.61 -30.23 3.00
CA ASN B 108 -3.37 -30.88 3.43
C ASN B 108 -2.28 -30.33 2.52
N GLU B 109 -1.02 -30.60 2.81
CA GLU B 109 0.05 -30.03 2.00
C GLU B 109 -0.09 -30.32 0.51
N GLN B 110 -0.50 -31.54 0.16
CA GLN B 110 -0.67 -31.87 -1.26
C GLN B 110 -1.72 -30.98 -1.92
N ARG B 111 -2.79 -30.70 -1.20
CA ARG B 111 -3.84 -29.86 -1.75
C ARG B 111 -3.29 -28.44 -1.89
N MET B 112 -2.45 -28.04 -0.93
CA MET B 112 -1.82 -26.72 -0.96
C MET B 112 -0.95 -26.62 -2.20
N LYS B 113 -0.15 -27.67 -2.43
CA LYS B 113 0.76 -27.69 -3.56
C LYS B 113 0.05 -27.55 -4.92
N GLU B 114 -1.17 -28.10 -5.01
CA GLU B 114 -1.96 -28.05 -6.24
C GLU B 114 -2.94 -26.87 -6.27
N SER B 115 -2.76 -25.91 -5.37
CA SER B 115 -3.69 -24.77 -5.26
C SER B 115 -3.58 -23.58 -6.23
N SER B 116 -2.35 -23.21 -6.57
CA SER B 116 -2.01 -22.07 -7.44
C SER B 116 -1.44 -20.99 -6.51
N PHE B 117 -1.66 -21.15 -5.21
CA PHE B 117 -1.13 -20.22 -4.22
C PHE B 117 -0.42 -20.94 -3.09
N TYR B 118 0.37 -21.94 -3.46
CA TYR B 118 1.16 -22.75 -2.51
C TYR B 118 1.98 -21.84 -1.59
N SER B 119 2.65 -20.84 -2.15
CA SER B 119 3.48 -19.96 -1.32
C SER B 119 2.70 -19.24 -0.23
N LEU B 120 1.49 -18.82 -0.56
CA LEU B 120 0.67 -18.12 0.42
C LEU B 120 0.25 -19.12 1.48
N CYS B 121 -0.08 -20.34 1.04
CA CYS B 121 -0.47 -21.39 1.97
C CYS B 121 0.65 -21.64 2.98
N LEU B 122 1.88 -21.76 2.51
CA LEU B 122 3.01 -21.96 3.42
C LEU B 122 3.15 -20.79 4.39
N THR B 123 2.97 -19.57 3.90
CA THR B 123 3.08 -18.40 4.76
C THR B 123 2.08 -18.48 5.90
N MET B 124 0.87 -18.91 5.59
CA MET B 124 -0.15 -19.03 6.61
C MET B 124 0.11 -20.22 7.53
N TRP B 125 0.58 -21.31 6.94
CA TRP B 125 0.84 -22.54 7.68
C TRP B 125 1.88 -22.37 8.80
N GLN B 126 2.64 -21.28 8.72
CA GLN B 126 3.66 -20.99 9.73
C GLN B 126 3.06 -20.71 11.10
N ILE B 127 1.82 -20.24 11.15
CA ILE B 127 1.21 -19.92 12.43
C ILE B 127 0.93 -21.15 13.29
N PRO B 128 0.25 -22.16 12.73
CA PRO B 128 -0.01 -23.35 13.54
C PRO B 128 1.27 -24.07 13.95
N GLN B 129 2.30 -23.97 13.12
CA GLN B 129 3.55 -24.64 13.44
C GLN B 129 4.17 -23.93 14.64
N GLU B 130 3.84 -22.64 14.79
CA GLU B 130 4.36 -21.87 15.90
C GLU B 130 3.57 -22.16 17.16
N PHE B 131 2.28 -22.45 17.01
CA PHE B 131 1.44 -22.78 18.16
C PHE B 131 1.91 -24.14 18.69
N VAL B 132 2.29 -25.04 17.79
CA VAL B 132 2.78 -26.36 18.18
C VAL B 132 4.05 -26.15 18.98
N LYS B 133 4.96 -25.35 18.43
CA LYS B 133 6.23 -25.07 19.06
C LYS B 133 6.13 -24.44 20.44
N LEU B 134 5.26 -23.43 20.59
CA LEU B 134 5.08 -22.75 21.87
C LEU B 134 4.09 -23.43 22.80
N GLN B 135 3.38 -24.42 22.29
CA GLN B 135 2.37 -25.12 23.08
C GLN B 135 1.38 -24.10 23.66
N VAL B 136 0.93 -23.19 22.81
CA VAL B 136 -0.02 -22.16 23.25
C VAL B 136 -1.27 -22.79 23.86
N SER B 137 -1.69 -22.25 25.00
CA SER B 137 -2.88 -22.76 25.66
C SER B 137 -4.07 -21.98 25.14
N GLN B 138 -5.26 -22.54 25.35
CA GLN B 138 -6.49 -21.90 24.92
C GLN B 138 -6.66 -20.55 25.61
N GLU B 139 -6.18 -20.45 26.85
CA GLU B 139 -6.29 -19.22 27.63
C GLU B 139 -5.40 -18.11 27.07
N GLU B 140 -4.18 -18.46 26.66
CA GLU B 140 -3.27 -17.44 26.12
C GLU B 140 -3.80 -16.97 24.75
N PHE B 141 -4.31 -17.92 23.98
CA PHE B 141 -4.87 -17.68 22.65
C PHE B 141 -6.00 -16.66 22.70
N LEU B 142 -6.94 -16.85 23.62
CA LEU B 142 -8.09 -15.94 23.74
C LEU B 142 -7.71 -14.50 24.04
N CYS B 143 -6.73 -14.31 24.92
CA CYS B 143 -6.29 -12.96 25.25
C CYS B 143 -5.53 -12.37 24.06
N MET B 144 -4.66 -13.18 23.45
CA MET B 144 -3.87 -12.71 22.31
C MET B 144 -4.77 -12.33 21.16
N LYS B 145 -5.86 -13.06 20.96
CA LYS B 145 -6.75 -12.73 19.87
C LYS B 145 -7.39 -11.36 20.08
N VAL B 146 -7.70 -11.03 21.34
CA VAL B 146 -8.28 -9.72 21.64
C VAL B 146 -7.24 -8.65 21.40
N LEU B 147 -6.00 -8.96 21.75
CA LEU B 147 -4.96 -7.97 21.53
C LEU B 147 -4.77 -7.69 20.04
N LEU B 148 -5.02 -8.69 19.18
CA LEU B 148 -4.90 -8.46 17.74
C LEU B 148 -5.95 -7.45 17.28
N LEU B 149 -7.16 -7.55 17.81
CA LEU B 149 -8.21 -6.61 17.48
C LEU B 149 -7.80 -5.17 17.87
N LEU B 150 -6.97 -5.05 18.91
CA LEU B 150 -6.55 -3.75 19.38
C LEU B 150 -5.07 -3.47 19.07
N ASN B 151 -4.54 -4.07 18.01
CA ASN B 151 -3.11 -3.92 17.70
C ASN B 151 -2.70 -2.86 16.67
N THR B 152 -3.66 -2.10 16.13
CA THR B 152 -3.35 -1.06 15.15
C THR B 152 -4.35 0.07 15.35
N ILE B 153 -3.89 1.31 15.34
CA ILE B 153 -4.77 2.48 15.53
C ILE B 153 -4.48 3.52 14.43
N PRO B 154 -5.41 4.46 14.18
CA PRO B 154 -5.12 5.46 13.13
C PRO B 154 -3.91 6.29 13.55
N LEU B 155 -3.34 7.03 12.61
CA LEU B 155 -2.20 7.87 12.93
C LEU B 155 -2.61 8.97 13.90
N GLU B 156 -3.86 9.44 13.77
CA GLU B 156 -4.38 10.49 14.63
C GLU B 156 -4.98 9.93 15.91
N GLY B 157 -4.82 8.64 16.12
CA GLY B 157 -5.38 8.02 17.30
C GLY B 157 -6.88 7.81 17.15
N LEU B 158 -7.50 7.23 18.15
CA LEU B 158 -8.94 6.97 18.13
C LEU B 158 -9.75 8.09 18.82
N ARG B 159 -11.06 8.11 18.59
CA ARG B 159 -11.89 9.13 19.25
C ARG B 159 -12.03 8.76 20.73
N SER B 160 -11.96 7.47 21.02
CA SER B 160 -12.05 6.98 22.39
C SER B 160 -10.69 6.45 22.80
N GLN B 161 -9.66 7.23 22.52
CA GLN B 161 -8.29 6.83 22.84
C GLN B 161 -8.09 6.45 24.32
N THR B 162 -8.69 7.19 25.24
CA THR B 162 -8.53 6.87 26.66
C THR B 162 -9.11 5.51 27.00
N GLN B 163 -10.34 5.25 26.56
CA GLN B 163 -10.99 3.97 26.85
C GLN B 163 -10.23 2.84 26.17
N PHE B 164 -9.67 3.14 25.01
CA PHE B 164 -8.91 2.15 24.26
C PHE B 164 -7.69 1.74 25.05
N GLU B 165 -6.92 2.72 25.52
CA GLU B 165 -5.71 2.39 26.29
C GLU B 165 -6.03 1.55 27.51
N GLU B 166 -7.10 1.92 28.21
CA GLU B 166 -7.51 1.17 29.39
C GLU B 166 -7.87 -0.26 29.02
N MET B 167 -8.60 -0.43 27.93
CA MET B 167 -9.02 -1.74 27.49
C MET B 167 -7.83 -2.56 27.04
N ARG B 168 -6.95 -1.96 26.24
CA ARG B 168 -5.78 -2.69 25.79
C ARG B 168 -4.92 -3.05 26.99
N SER B 169 -4.72 -2.12 27.91
CA SER B 169 -3.91 -2.43 29.09
C SER B 169 -4.56 -3.57 29.88
N SER B 170 -5.89 -3.55 29.96
CA SER B 170 -6.63 -4.58 30.68
C SER B 170 -6.42 -5.97 30.11
N TYR B 171 -6.44 -6.10 28.78
CA TYR B 171 -6.25 -7.40 28.17
C TYR B 171 -4.77 -7.84 28.23
N ILE B 172 -3.85 -6.89 28.24
CA ILE B 172 -2.43 -7.26 28.37
C ILE B 172 -2.27 -7.88 29.76
N ARG B 173 -2.86 -7.24 30.77
CA ARG B 173 -2.80 -7.77 32.12
C ARG B 173 -3.48 -9.13 32.19
N GLU B 174 -4.51 -9.34 31.38
CA GLU B 174 -5.22 -10.63 31.38
C GLU B 174 -4.31 -11.70 30.74
N LEU B 175 -3.57 -11.30 29.70
CA LEU B 175 -2.65 -12.23 29.06
C LEU B 175 -1.63 -12.71 30.12
N ILE B 176 -1.15 -11.76 30.92
CA ILE B 176 -0.16 -12.07 31.96
C ILE B 176 -0.74 -13.07 32.95
N LYS B 177 -2.04 -12.96 33.25
CA LYS B 177 -2.65 -13.91 34.18
C LYS B 177 -2.79 -15.28 33.50
N ALA B 178 -3.13 -15.27 32.21
CA ALA B 178 -3.29 -16.53 31.46
C ALA B 178 -1.97 -17.31 31.43
N ILE B 179 -0.88 -16.57 31.25
CA ILE B 179 0.43 -17.20 31.25
C ILE B 179 0.66 -17.78 32.64
N GLY B 180 0.19 -17.04 33.65
CA GLY B 180 0.37 -17.46 35.03
C GLY B 180 -0.27 -18.79 35.37
N LEU B 181 -1.25 -19.21 34.57
CA LEU B 181 -1.94 -20.47 34.83
C LEU B 181 -1.08 -21.73 34.70
N ARG B 182 -0.12 -21.70 33.79
CA ARG B 182 0.73 -22.87 33.58
C ARG B 182 2.19 -22.58 33.91
N GLN B 183 2.82 -21.75 33.08
CA GLN B 183 4.21 -21.40 33.32
C GLN B 183 4.40 -20.83 34.71
N LYS B 184 4.82 -21.72 35.61
CA LYS B 184 5.09 -21.35 37.00
C LYS B 184 6.53 -20.87 37.05
N GLY B 185 6.75 -19.75 37.74
CA GLY B 185 8.09 -19.22 37.84
C GLY B 185 8.22 -17.85 37.23
N VAL B 186 8.89 -16.94 37.95
CA VAL B 186 9.07 -15.58 37.49
C VAL B 186 9.84 -15.48 36.16
N VAL B 187 10.90 -16.25 36.02
CA VAL B 187 11.70 -16.22 34.79
C VAL B 187 10.93 -16.83 33.61
N SER B 188 10.34 -18.00 33.82
CA SER B 188 9.59 -18.66 32.77
C SER B 188 8.40 -17.81 32.33
N SER B 189 7.73 -17.19 33.30
CA SER B 189 6.57 -16.35 32.99
C SER B 189 6.89 -15.08 32.23
N SER B 190 7.96 -14.38 32.64
CA SER B 190 8.34 -13.15 31.96
C SER B 190 8.90 -13.49 30.58
N GLN B 191 9.56 -14.63 30.46
CA GLN B 191 10.08 -15.03 29.15
C GLN B 191 8.93 -15.42 28.22
N ARG B 192 7.91 -16.08 28.75
CA ARG B 192 6.79 -16.49 27.93
C ARG B 192 6.00 -15.25 27.47
N PHE B 193 5.90 -14.24 28.34
CA PHE B 193 5.23 -12.99 27.98
C PHE B 193 5.95 -12.36 26.78
N TYR B 194 7.28 -12.36 26.79
CA TYR B 194 8.04 -11.78 25.69
C TYR B 194 7.83 -12.59 24.40
N GLN B 195 7.81 -13.91 24.51
CA GLN B 195 7.61 -14.79 23.34
C GLN B 195 6.24 -14.58 22.69
N LEU B 196 5.19 -14.61 23.51
CA LEU B 196 3.84 -14.45 23.00
C LEU B 196 3.57 -13.07 22.41
N THR B 197 4.12 -12.04 23.05
CA THR B 197 3.94 -10.70 22.52
C THR B 197 4.83 -10.55 21.28
N LYS B 198 6.00 -11.19 21.28
CA LYS B 198 6.88 -11.08 20.12
C LYS B 198 6.20 -11.77 18.94
N LEU B 199 5.47 -12.86 19.23
CA LEU B 199 4.75 -13.60 18.20
C LEU B 199 3.72 -12.66 17.57
N LEU B 200 3.00 -11.91 18.41
CA LEU B 200 2.01 -10.99 17.89
C LEU B 200 2.65 -9.89 17.03
N ASP B 201 3.79 -9.34 17.47
CA ASP B 201 4.47 -8.31 16.69
C ASP B 201 4.86 -8.85 15.33
N ASN B 202 5.35 -10.09 15.32
CA ASN B 202 5.74 -10.75 14.08
C ASN B 202 4.55 -10.92 13.13
N LEU B 203 3.34 -11.04 13.66
CA LEU B 203 2.17 -11.19 12.80
C LEU B 203 1.98 -10.05 11.81
N HIS B 204 2.37 -8.85 12.19
CA HIS B 204 2.25 -7.69 11.29
C HIS B 204 2.89 -7.97 9.94
N ASP B 205 4.10 -8.50 9.97
CA ASP B 205 4.86 -8.82 8.77
C ASP B 205 4.18 -9.90 7.92
N LEU B 206 3.72 -10.94 8.60
CA LEU B 206 3.03 -12.07 7.98
C LEU B 206 1.74 -11.60 7.34
N VAL B 207 0.95 -10.85 8.10
CA VAL B 207 -0.31 -10.34 7.61
C VAL B 207 -0.13 -9.34 6.46
N LYS B 208 0.97 -8.62 6.45
CA LYS B 208 1.21 -7.68 5.36
C LYS B 208 1.21 -8.46 4.03
N GLN B 209 1.81 -9.65 4.04
CA GLN B 209 1.85 -10.48 2.81
C GLN B 209 0.46 -10.90 2.35
N LEU B 210 -0.39 -11.26 3.30
CA LEU B 210 -1.78 -11.65 3.02
C LEU B 210 -2.57 -10.44 2.52
N HIS B 211 -2.31 -9.27 3.10
CA HIS B 211 -2.97 -8.03 2.70
C HIS B 211 -2.67 -7.67 1.25
N LEU B 212 -1.40 -7.77 0.85
CA LEU B 212 -1.02 -7.44 -0.52
C LEU B 212 -1.64 -8.43 -1.52
N TYR B 213 -1.58 -9.73 -1.21
CA TYR B 213 -2.15 -10.74 -2.10
C TYR B 213 -3.64 -10.51 -2.24
N CYS B 214 -4.29 -10.20 -1.13
CA CYS B 214 -5.73 -9.96 -1.12
C CYS B 214 -6.08 -8.73 -1.97
N LEU B 215 -5.40 -7.61 -1.75
CA LEU B 215 -5.69 -6.41 -2.51
C LEU B 215 -5.44 -6.63 -4.01
N ASN B 216 -4.38 -7.33 -4.38
CA ASN B 216 -4.11 -7.60 -5.79
C ASN B 216 -5.21 -8.47 -6.36
N THR B 217 -5.67 -9.45 -5.57
CA THR B 217 -6.71 -10.34 -6.06
C THR B 217 -8.03 -9.59 -6.16
N PHE B 218 -8.24 -8.64 -5.25
CA PHE B 218 -9.47 -7.83 -5.24
C PHE B 218 -9.54 -6.95 -6.50
N ILE B 219 -8.44 -6.29 -6.80
CA ILE B 219 -8.36 -5.42 -7.96
C ILE B 219 -8.57 -6.23 -9.25
N GLN B 220 -8.05 -7.45 -9.29
CA GLN B 220 -8.17 -8.27 -10.49
C GLN B 220 -9.30 -9.31 -10.38
N SER B 221 -10.22 -9.13 -9.44
CA SER B 221 -11.27 -10.11 -9.21
C SER B 221 -12.03 -10.60 -10.45
N ARG B 222 -12.43 -9.67 -11.32
CA ARG B 222 -13.17 -10.07 -12.52
C ARG B 222 -12.37 -10.98 -13.45
N ALA B 223 -11.14 -10.57 -13.73
CA ALA B 223 -10.26 -11.32 -14.63
C ALA B 223 -9.92 -12.68 -14.05
N LEU B 224 -9.77 -12.76 -12.72
CA LEU B 224 -9.42 -14.02 -12.06
C LEU B 224 -10.65 -14.82 -11.67
N SER B 225 -11.83 -14.26 -11.90
CA SER B 225 -13.08 -14.93 -11.54
C SER B 225 -13.15 -15.29 -10.06
N VAL B 226 -12.69 -14.38 -9.21
CA VAL B 226 -12.74 -14.59 -7.77
C VAL B 226 -13.75 -13.59 -7.22
N GLU B 227 -14.84 -14.09 -6.64
CA GLU B 227 -15.87 -13.24 -6.11
C GLU B 227 -15.58 -12.81 -4.67
N PHE B 228 -15.77 -11.53 -4.39
CA PHE B 228 -15.58 -11.02 -3.04
C PHE B 228 -16.95 -10.53 -2.59
N PRO B 229 -17.48 -11.10 -1.50
CA PRO B 229 -18.77 -10.77 -0.89
C PRO B 229 -18.82 -9.32 -0.45
N GLU B 230 -20.03 -8.85 -0.20
CA GLU B 230 -20.32 -7.48 0.20
C GLU B 230 -19.52 -6.89 1.36
N MET B 231 -19.58 -7.50 2.54
CA MET B 231 -18.87 -6.97 3.69
C MET B 231 -17.37 -7.03 3.54
N MET B 232 -16.88 -8.08 2.87
CA MET B 232 -15.45 -8.21 2.69
C MET B 232 -14.97 -7.10 1.75
N SER B 233 -15.74 -6.85 0.70
CA SER B 233 -15.35 -5.79 -0.24
C SER B 233 -15.38 -4.47 0.49
N GLU B 234 -16.33 -4.29 1.39
CA GLU B 234 -16.44 -3.05 2.13
C GLU B 234 -15.19 -2.79 2.99
N VAL B 235 -14.82 -3.77 3.83
CA VAL B 235 -13.64 -3.59 4.68
C VAL B 235 -12.36 -3.43 3.86
N ILE B 236 -12.30 -4.10 2.71
CA ILE B 236 -11.12 -4.02 1.86
C ILE B 236 -11.00 -2.62 1.26
N ALA B 237 -12.10 -2.09 0.77
CA ALA B 237 -12.11 -0.77 0.17
C ALA B 237 -11.93 0.33 1.19
N ALA B 238 -12.40 0.10 2.41
CA ALA B 238 -12.29 1.13 3.44
C ALA B 238 -10.91 1.36 4.03
N GLN B 239 -10.10 0.31 4.11
CA GLN B 239 -8.79 0.48 4.73
C GLN B 239 -7.57 -0.19 4.13
N LEU B 240 -7.75 -1.25 3.34
CA LEU B 240 -6.58 -1.98 2.86
C LEU B 240 -5.48 -1.15 2.20
N PRO B 241 -5.81 -0.25 1.26
CA PRO B 241 -4.73 0.53 0.67
C PRO B 241 -3.97 1.34 1.72
N LYS B 242 -4.74 1.99 2.59
CA LYS B 242 -4.17 2.82 3.64
C LYS B 242 -3.28 2.00 4.57
N ILE B 243 -3.73 0.79 4.90
CA ILE B 243 -2.96 -0.10 5.76
C ILE B 243 -1.63 -0.53 5.12
N LEU B 244 -1.68 -0.93 3.85
CA LEU B 244 -0.47 -1.37 3.15
C LEU B 244 0.52 -0.23 2.95
N ALA B 245 0.02 0.99 2.83
CA ALA B 245 0.89 2.14 2.63
C ALA B 245 1.52 2.59 3.93
N GLY B 246 1.21 1.88 5.01
CA GLY B 246 1.74 2.23 6.32
C GLY B 246 1.16 3.51 6.88
N MET B 247 -0.02 3.89 6.42
CA MET B 247 -0.62 5.13 6.91
C MET B 247 -1.56 4.91 8.09
N VAL B 248 -1.12 4.03 8.99
CA VAL B 248 -1.83 3.68 10.23
C VAL B 248 -0.73 3.47 11.27
N LYS B 249 -1.11 3.20 12.50
CA LYS B 249 -0.12 3.01 13.54
C LYS B 249 -0.17 1.64 14.21
N PRO B 250 0.66 0.71 13.72
CA PRO B 250 0.69 -0.62 14.30
C PRO B 250 1.26 -0.47 15.71
N LEU B 251 0.71 -1.22 16.65
CA LEU B 251 1.18 -1.14 18.01
C LEU B 251 2.10 -2.33 18.27
N LEU B 252 3.34 -2.03 18.63
CA LEU B 252 4.31 -3.08 18.89
C LEU B 252 4.57 -3.19 20.37
N PHE B 253 4.81 -4.41 20.83
CA PHE B 253 5.10 -4.63 22.24
C PHE B 253 6.59 -4.43 22.48
N HIS B 254 7.39 -4.71 21.46
CA HIS B 254 8.84 -4.61 21.55
C HIS B 254 9.46 -3.70 20.49
C1 STR C . -2.72 13.82 -14.59
C2 STR C . -1.67 14.43 -15.55
C3 STR C . -0.81 15.44 -14.79
O3 STR C . -0.31 16.40 -15.40
C4 STR C . -0.51 15.23 -13.38
C5 STR C . -1.03 14.21 -12.71
C6 STR C . -0.58 14.00 -11.26
C7 STR C . -1.77 13.73 -10.32
C8 STR C . -2.73 12.63 -10.83
C9 STR C . -3.26 13.05 -12.24
C10 STR C . -2.11 13.23 -13.30
C11 STR C . -4.36 12.08 -12.75
C12 STR C . -5.51 11.91 -11.72
C13 STR C . -4.97 11.43 -10.35
C14 STR C . -3.93 12.51 -9.89
C15 STR C . -3.65 12.16 -8.41
C16 STR C . -5.06 11.71 -7.89
C17 STR C . -5.97 11.53 -9.16
C18 STR C . -4.37 9.97 -10.42
C19 STR C . -1.35 11.87 -13.61
C20 STR C . -6.99 10.38 -9.06
O20 STR C . -6.93 9.57 -8.16
C21 STR C . -8.06 10.27 -10.09
C1 STR D . -10.64 -16.94 5.11
C2 STR D . -11.08 -17.42 6.53
C3 STR D . -9.89 -18.05 7.23
O3 STR D . -10.07 -19.00 8.00
C4 STR D . -8.55 -17.47 7.03
C5 STR D . -8.33 -16.49 6.15
C6 STR D . -6.93 -15.87 6.07
C7 STR D . -6.44 -15.73 4.61
C8 STR D . -7.47 -15.06 3.66
C9 STR D . -8.81 -15.89 3.71
C10 STR D . -9.44 -15.96 5.16
C11 STR D . -9.83 -15.36 2.67
C12 STR D . -9.24 -15.31 1.23
C13 STR D . -7.98 -14.44 1.18
C14 STR D . -6.97 -15.09 2.20
C15 STR D . -5.62 -14.39 1.89
C16 STR D . -5.65 -14.25 0.32
C17 STR D . -7.12 -14.57 -0.11
C18 STR D . -8.31 -12.92 1.50
C19 STR D . -9.90 -14.55 5.69
C20 STR D . -7.63 -13.82 -1.35
O20 STR D . -7.10 -12.80 -1.73
C21 STR D . -8.78 -14.37 -2.09
#